data_6QGW
#
_entry.id   6QGW
#
_cell.length_a   56.406
_cell.length_b   135.542
_cell.length_c   89.754
_cell.angle_alpha   90.00
_cell.angle_beta   102.92
_cell.angle_gamma   90.00
#
_symmetry.space_group_name_H-M   'I 1 2 1'
#
loop_
_entity.id
_entity.type
_entity.pdbx_description
1 polymer 'Outer membrane protein assembly factor BamA'
2 polymer NanoE6
3 non-polymer (HYDROXYETHYLOXY)TRI(ETHYLOXY)OCTANE
4 water water
#
loop_
_entity_poly.entity_id
_entity_poly.type
_entity_poly.pdbx_seq_one_letter_code
_entity_poly.pdbx_strand_id
1 'polypeptide(L)'
;MGSSHHHHHHSSGENLYFQHMRNTGSFNFGIGYGTESGVSFQAGVQQDNWLGTGYAVGINGTKNDYQTYAELSVTNPYFT
VDGVSLGGRLFYNDFQADDADLSDYTNKSYGTDVTLGFPINEYNSLRAGLGYVHNSLSNMQPQVAMWRYLYSMGEHPSTS
DQDNSFKTDDFTFNYGWTYNKLDRGYFPTDGSRVNLTGKVTIPGSDNEYYKVTLDTATYVPIDDDHKWVVLGRTRWGYGD
GLGGKEMPFYENFYAGGSSTVRGFQSNTIGPKAVYFPHQASNYDPDYDYESATQDGAKDLSKSDDAVGGNAMAVASLEFI
TPTPFISDKYANSVRTSFFWDMGTVWDTNWDSSQYSGYPDYSDPSNIRMSAGIALQWMSPLGPLVFSYAQPFKKYDGDKA
EQFQFNIGKTW
;
A
2 'polypeptide(L)'
;SQMQLVESGGGLVQAGGSLTLSCAASGRTFSDYDMGWFRQAPGKAREFVARISRSGRMTSLADSVKGRFTISRDNGKRTV
YLQMNSLKPEDTAVYYCAADPQWSRVRSGADYWGQGTRVTVSA
;
B
#
loop_
_chem_comp.id
_chem_comp.type
_chem_comp.name
_chem_comp.formula
C8E non-polymer (HYDROXYETHYLOXY)TRI(ETHYLOXY)OCTANE 'C16 H34 O5'
#
# COMPACT_ATOMS: atom_id res chain seq x y z
N PHE A 27 23.46 8.39 -15.67
CA PHE A 27 22.92 8.17 -14.33
C PHE A 27 22.69 9.50 -13.61
N ASN A 28 21.43 9.79 -13.29
CA ASN A 28 21.06 11.00 -12.56
C ASN A 28 20.70 10.60 -11.14
N PHE A 29 21.41 11.18 -10.17
CA PHE A 29 21.18 10.89 -8.76
C PHE A 29 20.53 12.08 -8.07
N GLY A 30 19.90 11.78 -6.95
CA GLY A 30 19.32 12.81 -6.10
C GLY A 30 19.16 12.28 -4.70
N ILE A 31 19.24 13.18 -3.72
CA ILE A 31 19.11 12.84 -2.31
C ILE A 31 18.33 13.96 -1.64
N GLY A 32 17.46 13.60 -0.70
CA GLY A 32 16.72 14.57 0.07
C GLY A 32 16.57 14.08 1.51
N TYR A 33 16.08 14.97 2.37
CA TYR A 33 15.91 14.66 3.78
C TYR A 33 14.72 15.43 4.35
N GLY A 34 13.85 14.72 5.08
CA GLY A 34 12.68 15.39 5.63
C GLY A 34 12.05 14.59 6.74
N THR A 35 11.15 15.27 7.47
CA THR A 35 10.43 14.60 8.56
C THR A 35 9.48 13.54 8.04
N GLU A 36 8.97 13.72 6.81
CA GLU A 36 7.94 12.81 6.30
C GLU A 36 8.52 11.42 6.01
N SER A 37 9.70 11.36 5.40
CA SER A 37 10.23 10.09 4.92
C SER A 37 11.70 9.87 5.24
N GLY A 38 12.31 10.71 6.06
CA GLY A 38 13.72 10.54 6.31
C GLY A 38 14.54 10.81 5.07
N VAL A 39 15.64 10.07 4.94
CA VAL A 39 16.55 10.29 3.80
C VAL A 39 15.99 9.58 2.57
N SER A 40 15.83 10.34 1.49
CA SER A 40 15.32 9.81 0.23
C SER A 40 16.44 9.78 -0.81
N PHE A 41 16.62 8.63 -1.44
CA PHE A 41 17.56 8.47 -2.55
C PHE A 41 16.78 8.24 -3.85
N GLN A 42 17.24 8.85 -4.93
CA GLN A 42 16.63 8.66 -6.25
C GLN A 42 17.73 8.50 -7.28
N ALA A 43 17.58 7.52 -8.18
CA ALA A 43 18.54 7.29 -9.26
C ALA A 43 17.78 6.81 -10.50
N GLY A 44 18.20 7.27 -11.68
CA GLY A 44 17.47 6.91 -12.88
C GLY A 44 18.24 7.23 -14.14
N VAL A 45 17.75 6.64 -15.25
CA VAL A 45 18.27 6.86 -16.60
C VAL A 45 17.09 7.00 -17.55
N GLN A 46 17.16 7.99 -18.44
CA GLN A 46 16.07 8.28 -19.38
C GLN A 46 16.69 8.60 -20.74
N GLN A 47 16.01 8.18 -21.80
CA GLN A 47 16.49 8.46 -23.16
C GLN A 47 15.30 8.61 -24.08
N ASP A 48 15.09 9.82 -24.58
CA ASP A 48 14.08 10.03 -25.62
C ASP A 48 14.60 9.53 -26.97
N ASN A 49 13.66 9.12 -27.82
CA ASN A 49 13.95 8.72 -29.20
C ASN A 49 15.03 7.64 -29.26
N TRP A 50 14.90 6.65 -28.38
CA TRP A 50 15.89 5.60 -28.25
C TRP A 50 16.15 4.91 -29.58
N LEU A 51 17.40 4.99 -30.03
CA LEU A 51 17.85 4.35 -31.27
C LEU A 51 17.12 4.89 -32.49
N GLY A 52 16.58 6.11 -32.41
CA GLY A 52 15.81 6.65 -33.52
C GLY A 52 14.49 5.95 -33.75
N THR A 53 14.02 5.16 -32.79
CA THR A 53 12.75 4.46 -32.93
C THR A 53 11.56 5.37 -32.73
N GLY A 54 11.75 6.51 -32.07
CA GLY A 54 10.65 7.34 -31.66
C GLY A 54 10.17 7.11 -30.25
N TYR A 55 10.54 6.01 -29.61
CA TYR A 55 10.12 5.73 -28.25
C TYR A 55 11.14 6.24 -27.24
N ALA A 56 10.64 6.68 -26.10
CA ALA A 56 11.46 6.99 -24.95
C ALA A 56 11.53 5.79 -24.03
N VAL A 57 12.71 5.56 -23.43
CA VAL A 57 12.91 4.44 -22.51
C VAL A 57 13.55 4.97 -21.24
N GLY A 58 13.10 4.45 -20.09
CA GLY A 58 13.58 4.93 -18.82
C GLY A 58 13.61 3.84 -17.77
N ILE A 59 14.48 4.05 -16.79
CA ILE A 59 14.58 3.21 -15.59
C ILE A 59 14.85 4.12 -14.41
N ASN A 60 14.08 3.97 -13.33
CA ASN A 60 14.30 4.83 -12.17
C ASN A 60 13.93 4.08 -10.90
N GLY A 61 14.56 4.49 -9.81
CA GLY A 61 14.27 3.92 -8.51
C GLY A 61 14.30 4.98 -7.44
N THR A 62 13.59 4.70 -6.35
CA THR A 62 13.55 5.60 -5.21
C THR A 62 13.56 4.77 -3.94
N LYS A 63 14.14 5.34 -2.89
CA LYS A 63 14.21 4.64 -1.61
C LYS A 63 14.14 5.68 -0.49
N ASN A 64 13.28 5.42 0.49
CA ASN A 64 13.23 6.26 1.68
C ASN A 64 13.02 5.33 2.87
N ASP A 65 12.61 5.91 4.01
CA ASP A 65 12.58 5.13 5.25
C ASP A 65 11.60 3.96 5.22
N TYR A 66 10.58 4.00 4.36
CA TYR A 66 9.53 2.99 4.41
C TYR A 66 9.19 2.36 3.08
N GLN A 67 9.81 2.80 1.98
CA GLN A 67 9.42 2.38 0.65
C GLN A 67 10.65 2.26 -0.24
N THR A 68 10.70 1.18 -1.01
CA THR A 68 11.66 1.02 -2.09
C THR A 68 10.87 0.76 -3.37
N TYR A 69 11.12 1.55 -4.40
CA TYR A 69 10.35 1.50 -5.64
C TYR A 69 11.28 1.49 -6.84
N ALA A 70 10.92 0.72 -7.86
CA ALA A 70 11.71 0.67 -9.10
C ALA A 70 10.76 0.46 -10.26
N GLU A 71 11.10 1.03 -11.42
CA GLU A 71 10.24 0.88 -12.59
C GLU A 71 11.06 0.93 -13.88
N LEU A 72 10.55 0.27 -14.90
CA LEU A 72 10.99 0.38 -16.29
C LEU A 72 9.85 0.94 -17.12
N SER A 73 10.17 1.85 -18.04
CA SER A 73 9.13 2.56 -18.78
C SER A 73 9.49 2.67 -20.25
N VAL A 74 8.48 2.52 -21.11
CA VAL A 74 8.59 2.72 -22.55
C VAL A 74 7.40 3.57 -22.97
N THR A 75 7.66 4.64 -23.74
CA THR A 75 6.63 5.61 -24.05
C THR A 75 6.73 6.06 -25.50
N ASN A 76 5.59 6.02 -26.21
CA ASN A 76 5.48 6.55 -27.56
C ASN A 76 4.76 7.89 -27.47
N PRO A 77 5.45 9.02 -27.60
CA PRO A 77 4.77 10.32 -27.48
C PRO A 77 3.85 10.65 -28.64
N TYR A 78 3.86 9.85 -29.72
CA TYR A 78 3.00 10.09 -30.88
C TYR A 78 2.30 8.80 -31.31
N PHE A 79 1.56 8.20 -30.38
CA PHE A 79 0.70 7.08 -30.73
C PHE A 79 -0.22 7.46 -31.88
N THR A 80 -0.75 8.67 -31.87
CA THR A 80 -1.34 9.29 -33.06
C THR A 80 -0.48 10.48 -33.48
N VAL A 81 -0.63 10.90 -34.74
CA VAL A 81 0.04 12.12 -35.16
C VAL A 81 -0.41 13.30 -34.32
N ASP A 82 -1.66 13.29 -33.86
CA ASP A 82 -2.20 14.42 -33.11
C ASP A 82 -1.49 14.67 -31.79
N GLY A 83 -0.73 13.70 -31.30
CA GLY A 83 -0.04 13.86 -30.02
C GLY A 83 -0.58 13.01 -28.89
N VAL A 84 -1.48 12.06 -29.15
CA VAL A 84 -1.83 11.06 -28.15
C VAL A 84 -0.60 10.21 -27.87
N SER A 85 -0.27 10.08 -26.59
CA SER A 85 0.84 9.25 -26.17
C SER A 85 0.31 7.90 -25.67
N LEU A 86 1.13 6.87 -25.85
CA LEU A 86 0.89 5.55 -25.28
C LEU A 86 2.11 5.20 -24.45
N GLY A 87 1.90 4.85 -23.18
CA GLY A 87 2.99 4.57 -22.26
C GLY A 87 2.83 3.23 -21.59
N GLY A 88 3.96 2.60 -21.28
CA GLY A 88 3.97 1.35 -20.53
C GLY A 88 4.93 1.42 -19.36
N ARG A 89 4.57 0.71 -18.28
CA ARG A 89 5.30 0.72 -17.02
C ARG A 89 5.35 -0.71 -16.48
N LEU A 90 6.53 -1.11 -16.00
CA LEU A 90 6.72 -2.34 -15.25
C LEU A 90 7.37 -1.95 -13.93
N PHE A 91 6.79 -2.36 -12.80
CA PHE A 91 7.28 -1.83 -11.53
C PHE A 91 7.28 -2.88 -10.41
N TYR A 92 8.13 -2.59 -9.41
CA TYR A 92 8.21 -3.33 -8.15
C TYR A 92 8.18 -2.32 -7.00
N ASN A 93 7.50 -2.66 -5.90
CA ASN A 93 7.41 -1.78 -4.75
C ASN A 93 7.43 -2.59 -3.45
N ASP A 94 8.16 -2.07 -2.46
CA ASP A 94 8.25 -2.68 -1.14
C ASP A 94 7.89 -1.62 -0.09
N PHE A 95 6.78 -1.84 0.62
CA PHE A 95 6.21 -0.89 1.57
C PHE A 95 6.21 -1.50 2.97
N GLN A 96 6.83 -0.82 3.93
CA GLN A 96 6.82 -1.24 5.34
C GLN A 96 5.94 -0.29 6.14
N ALA A 97 4.78 -0.76 6.57
CA ALA A 97 3.77 0.13 7.15
C ALA A 97 4.26 0.74 8.46
N ASP A 98 4.95 -0.03 9.29
CA ASP A 98 5.39 0.50 10.57
C ASP A 98 6.44 1.59 10.40
N ASP A 99 7.25 1.53 9.34
CA ASP A 99 8.20 2.60 9.10
C ASP A 99 7.53 3.84 8.55
N ALA A 100 6.27 3.74 8.12
CA ALA A 100 5.46 4.88 7.70
C ALA A 100 4.52 5.35 8.82
N ASP A 101 4.78 4.94 10.06
CA ASP A 101 4.00 5.36 11.22
C ASP A 101 2.56 4.81 11.20
N LEU A 102 2.36 3.61 10.67
CA LEU A 102 1.06 2.94 10.69
C LEU A 102 1.15 1.67 11.53
N SER A 103 0.00 1.07 11.84
CA SER A 103 0.00 -0.29 12.39
C SER A 103 0.68 -1.20 11.38
N ASP A 104 1.42 -2.18 11.88
CA ASP A 104 2.43 -2.85 11.06
C ASP A 104 1.81 -3.77 10.01
N TYR A 105 2.45 -3.80 8.85
CA TYR A 105 2.31 -4.84 7.83
C TYR A 105 3.41 -4.60 6.80
N THR A 106 3.63 -5.59 5.94
CA THR A 106 4.57 -5.52 4.84
C THR A 106 3.78 -5.79 3.56
N ASN A 107 3.98 -4.94 2.55
CA ASN A 107 3.27 -5.10 1.28
C ASN A 107 4.33 -5.06 0.18
N LYS A 108 4.65 -6.23 -0.38
CA LYS A 108 5.53 -6.34 -1.54
C LYS A 108 4.65 -6.46 -2.77
N SER A 109 4.80 -5.53 -3.73
CA SER A 109 3.93 -5.53 -4.90
C SER A 109 4.77 -5.38 -6.17
N TYR A 110 4.17 -5.79 -7.28
CA TYR A 110 4.75 -5.60 -8.60
C TYR A 110 3.59 -5.60 -9.57
N GLY A 111 3.81 -5.07 -10.77
CA GLY A 111 2.73 -5.02 -11.74
C GLY A 111 3.11 -4.17 -12.95
N THR A 112 2.10 -3.93 -13.78
CA THR A 112 2.29 -3.22 -15.03
C THR A 112 1.13 -2.25 -15.22
N ASP A 113 1.35 -1.29 -16.12
CA ASP A 113 0.34 -0.30 -16.50
C ASP A 113 0.58 0.03 -17.96
N VAL A 114 -0.51 0.22 -18.70
CA VAL A 114 -0.47 0.80 -20.05
C VAL A 114 -1.42 1.99 -20.05
N THR A 115 -0.93 3.16 -20.46
CA THR A 115 -1.68 4.40 -20.32
C THR A 115 -1.75 5.18 -21.62
N LEU A 116 -2.94 5.66 -21.97
CA LEU A 116 -3.12 6.59 -23.09
C LEU A 116 -3.23 8.00 -22.55
N GLY A 117 -2.43 8.91 -23.11
CA GLY A 117 -2.47 10.30 -22.67
C GLY A 117 -2.96 11.29 -23.72
N PHE A 118 -4.01 12.05 -23.41
CA PHE A 118 -4.62 12.97 -24.38
C PHE A 118 -4.37 14.42 -23.95
N PRO A 119 -3.55 15.20 -24.67
CA PRO A 119 -3.58 16.66 -24.46
C PRO A 119 -4.89 17.24 -25.00
N ILE A 120 -5.66 17.88 -24.14
CA ILE A 120 -6.89 18.54 -24.58
C ILE A 120 -6.60 19.93 -25.10
N ASN A 121 -5.89 20.73 -24.29
CA ASN A 121 -5.34 22.01 -24.70
C ASN A 121 -4.10 22.24 -23.84
N GLU A 122 -3.56 23.45 -23.89
CA GLU A 122 -2.31 23.71 -23.20
C GLU A 122 -2.42 23.56 -21.68
N TYR A 123 -3.63 23.69 -21.11
CA TYR A 123 -3.80 23.65 -19.68
C TYR A 123 -4.43 22.36 -19.17
N ASN A 124 -4.90 21.48 -20.05
CA ASN A 124 -5.66 20.29 -19.66
C ASN A 124 -5.10 19.05 -20.31
N SER A 125 -5.01 17.97 -19.53
CA SER A 125 -4.60 16.67 -20.05
C SER A 125 -5.52 15.60 -19.47
N LEU A 126 -5.73 14.54 -20.23
CA LEU A 126 -6.52 13.41 -19.78
C LEU A 126 -5.74 12.12 -19.98
N ARG A 127 -6.03 11.14 -19.12
CA ARG A 127 -5.34 9.86 -19.10
C ARG A 127 -6.37 8.75 -18.92
N ALA A 128 -6.19 7.65 -19.67
CA ALA A 128 -6.99 6.45 -19.49
C ALA A 128 -6.06 5.26 -19.66
N GLY A 129 -6.13 4.30 -18.74
CA GLY A 129 -5.20 3.19 -18.77
C GLY A 129 -5.73 1.93 -18.13
N LEU A 130 -5.00 0.85 -18.40
CA LEU A 130 -5.29 -0.47 -17.85
C LEU A 130 -4.09 -0.89 -17.01
N GLY A 131 -4.35 -1.57 -15.90
CA GLY A 131 -3.29 -1.93 -14.98
C GLY A 131 -3.45 -3.33 -14.44
N TYR A 132 -2.32 -3.93 -14.11
CA TYR A 132 -2.23 -5.18 -13.34
C TYR A 132 -1.39 -4.92 -12.10
N VAL A 133 -1.82 -5.43 -10.95
CA VAL A 133 -0.96 -5.38 -9.77
C VAL A 133 -1.09 -6.67 -8.96
N HIS A 134 0.04 -7.17 -8.48
CA HIS A 134 0.08 -8.27 -7.54
C HIS A 134 0.51 -7.75 -6.17
N ASN A 135 -0.27 -8.05 -5.14
CA ASN A 135 0.02 -7.60 -3.78
C ASN A 135 0.29 -8.81 -2.88
N SER A 136 1.34 -8.72 -2.08
CA SER A 136 1.70 -9.76 -1.13
C SER A 136 1.83 -9.15 0.26
N LEU A 137 0.87 -9.45 1.12
CA LEU A 137 0.75 -8.85 2.46
C LEU A 137 1.25 -9.84 3.50
N SER A 138 2.01 -9.33 4.48
CA SER A 138 2.50 -10.19 5.57
C SER A 138 2.67 -9.35 6.82
N ASN A 139 3.09 -10.00 7.90
CA ASN A 139 3.48 -9.33 9.14
C ASN A 139 2.32 -8.52 9.73
N MET A 140 1.13 -9.09 9.67
CA MET A 140 -0.08 -8.40 10.15
C MET A 140 -0.45 -8.94 11.51
N GLN A 141 -0.57 -8.04 12.50
CA GLN A 141 -1.03 -8.49 13.82
C GLN A 141 -2.56 -8.44 13.86
N PRO A 142 -3.24 -9.41 14.47
CA PRO A 142 -4.71 -9.40 14.42
C PRO A 142 -5.30 -8.09 14.94
N GLN A 143 -6.21 -7.50 14.16
CA GLN A 143 -6.78 -6.21 14.49
C GLN A 143 -8.06 -6.01 13.70
N VAL A 144 -8.96 -5.17 14.26
CA VAL A 144 -10.37 -5.22 13.85
C VAL A 144 -10.54 -4.86 12.38
N ALA A 145 -9.96 -3.74 11.94
CA ALA A 145 -10.28 -3.27 10.60
C ALA A 145 -9.69 -4.15 9.53
N MET A 146 -8.44 -4.57 9.70
CA MET A 146 -7.84 -5.50 8.75
C MET A 146 -8.62 -6.81 8.68
N TRP A 147 -8.90 -7.41 9.83
CA TRP A 147 -9.63 -8.68 9.86
C TRP A 147 -11.03 -8.53 9.26
N ARG A 148 -11.64 -7.35 9.41
CA ARG A 148 -12.95 -7.11 8.81
C ARG A 148 -12.86 -7.14 7.29
N TYR A 149 -11.80 -6.56 6.73
CA TYR A 149 -11.57 -6.67 5.29
C TYR A 149 -11.36 -8.12 4.87
N LEU A 150 -10.56 -8.87 5.62
CA LEU A 150 -10.35 -10.28 5.27
C LEU A 150 -11.65 -11.06 5.28
N TYR A 151 -12.52 -10.81 6.27
CA TYR A 151 -13.81 -11.50 6.27
C TYR A 151 -14.64 -11.15 5.05
N SER A 152 -14.58 -9.87 4.60
CA SER A 152 -15.33 -9.46 3.43
C SER A 152 -14.84 -10.14 2.16
N MET A 153 -13.59 -10.60 2.18
CA MET A 153 -13.02 -11.35 1.06
C MET A 153 -13.32 -12.85 1.17
N GLY A 154 -14.17 -13.26 2.10
CA GLY A 154 -14.47 -14.66 2.25
C GLY A 154 -13.45 -15.47 3.01
N GLU A 155 -12.45 -14.82 3.63
CA GLU A 155 -11.47 -15.52 4.44
C GLU A 155 -11.96 -15.59 5.89
N HIS A 156 -11.46 -16.61 6.60
CA HIS A 156 -11.84 -16.84 7.99
C HIS A 156 -10.60 -16.93 8.88
N PRO A 157 -9.78 -15.89 8.91
CA PRO A 157 -8.60 -15.94 9.80
C PRO A 157 -9.01 -15.89 11.26
N SER A 158 -8.27 -16.63 12.10
CA SER A 158 -8.49 -16.58 13.54
C SER A 158 -7.95 -15.29 14.12
N THR A 159 -8.61 -14.81 15.18
CA THR A 159 -8.17 -13.61 15.85
C THR A 159 -6.85 -13.81 16.60
N SER A 160 -6.32 -15.02 16.65
CA SER A 160 -4.99 -15.23 17.18
C SER A 160 -3.96 -15.61 16.11
N ASP A 161 -4.26 -15.42 14.84
CA ASP A 161 -3.30 -15.73 13.77
C ASP A 161 -2.27 -14.62 13.65
N GLN A 162 -1.01 -14.92 13.97
CA GLN A 162 0.04 -13.89 13.92
C GLN A 162 0.85 -13.92 12.63
N ASP A 163 0.80 -15.01 11.88
CA ASP A 163 1.78 -15.26 10.82
C ASP A 163 1.13 -15.49 9.46
N ASN A 164 -0.11 -15.04 9.26
CA ASN A 164 -0.76 -15.23 7.96
C ASN A 164 -0.14 -14.32 6.90
N SER A 165 -0.16 -14.80 5.65
CA SER A 165 0.13 -13.99 4.47
C SER A 165 -1.12 -13.97 3.59
N PHE A 166 -1.31 -12.85 2.89
CA PHE A 166 -2.45 -12.66 2.02
C PHE A 166 -1.93 -12.16 0.67
N LYS A 167 -2.31 -12.82 -0.42
CA LYS A 167 -1.85 -12.45 -1.74
C LYS A 167 -3.04 -12.28 -2.68
N THR A 168 -2.99 -11.24 -3.51
CA THR A 168 -4.08 -10.95 -4.42
C THR A 168 -3.56 -10.51 -5.78
N ASP A 169 -4.35 -10.74 -6.82
CA ASP A 169 -4.03 -10.30 -8.19
C ASP A 169 -5.19 -9.44 -8.69
N ASP A 170 -4.92 -8.17 -8.97
CA ASP A 170 -5.99 -7.24 -9.36
C ASP A 170 -5.71 -6.67 -10.75
N PHE A 171 -6.79 -6.43 -11.51
CA PHE A 171 -6.75 -5.74 -12.79
C PHE A 171 -7.62 -4.49 -12.72
N THR A 172 -7.14 -3.37 -13.25
CA THR A 172 -7.85 -2.12 -13.03
C THR A 172 -7.96 -1.28 -14.30
N PHE A 173 -8.98 -0.43 -14.31
CA PHE A 173 -9.10 0.70 -15.23
C PHE A 173 -8.79 1.98 -14.47
N ASN A 174 -7.92 2.82 -15.03
CA ASN A 174 -7.39 3.98 -14.36
C ASN A 174 -7.67 5.21 -15.21
N TYR A 175 -8.06 6.30 -14.57
CA TYR A 175 -8.37 7.51 -15.32
C TYR A 175 -7.91 8.73 -14.53
N GLY A 176 -7.70 9.82 -15.26
CA GLY A 176 -7.10 10.99 -14.65
C GLY A 176 -7.37 12.22 -15.49
N TRP A 177 -7.37 13.37 -14.83
CA TRP A 177 -7.53 14.66 -15.48
C TRP A 177 -6.68 15.65 -14.69
N THR A 178 -5.87 16.43 -15.39
CA THR A 178 -5.02 17.43 -14.77
C THR A 178 -5.25 18.76 -15.46
N TYR A 179 -5.55 19.78 -14.66
CA TYR A 179 -5.67 21.17 -15.10
C TYR A 179 -4.55 21.94 -14.42
N ASN A 180 -3.76 22.67 -15.20
CA ASN A 180 -2.69 23.46 -14.59
C ASN A 180 -2.55 24.79 -15.31
N LYS A 181 -2.87 25.88 -14.62
CA LYS A 181 -2.72 27.22 -15.14
C LYS A 181 -2.04 28.11 -14.11
N LEU A 182 -1.09 27.54 -13.37
CA LEU A 182 -0.27 28.35 -12.49
C LEU A 182 0.69 29.21 -13.31
N ASP A 183 0.91 30.45 -12.86
CA ASP A 183 1.77 31.36 -13.63
C ASP A 183 3.20 30.85 -13.71
N ARG A 184 3.67 30.18 -12.67
CA ARG A 184 5.02 29.62 -12.68
C ARG A 184 5.07 28.42 -11.74
N GLY A 185 6.02 27.52 -12.01
CA GLY A 185 6.15 26.33 -11.21
C GLY A 185 6.70 26.60 -9.82
N TYR A 186 7.76 27.41 -9.74
CA TYR A 186 8.40 27.73 -8.46
C TYR A 186 7.80 29.02 -7.91
N PHE A 187 7.41 28.99 -6.63
CA PHE A 187 6.76 30.12 -5.97
C PHE A 187 5.59 30.67 -6.81
N PRO A 188 4.54 29.88 -7.01
CA PRO A 188 3.41 30.39 -7.80
C PRO A 188 2.78 31.59 -7.12
N THR A 189 2.19 32.47 -7.94
CA THR A 189 1.44 33.60 -7.41
C THR A 189 0.02 33.73 -7.96
N ASP A 190 -0.35 32.96 -8.97
CA ASP A 190 -1.63 33.17 -9.62
C ASP A 190 -2.03 31.90 -10.34
N GLY A 191 -3.31 31.58 -10.31
CA GLY A 191 -3.86 30.48 -11.06
C GLY A 191 -4.23 29.33 -10.16
N SER A 192 -4.58 28.23 -10.81
CA SER A 192 -5.05 27.04 -10.12
C SER A 192 -4.44 25.80 -10.75
N ARG A 193 -4.34 24.74 -9.94
CA ARG A 193 -4.01 23.40 -10.42
C ARG A 193 -5.01 22.42 -9.82
N VAL A 194 -5.47 21.48 -10.62
CA VAL A 194 -6.42 20.46 -10.17
C VAL A 194 -6.01 19.11 -10.74
N ASN A 195 -6.07 18.08 -9.91
CA ASN A 195 -5.73 16.73 -10.32
C ASN A 195 -6.82 15.79 -9.83
N LEU A 196 -7.50 15.14 -10.76
CA LEU A 196 -8.46 14.08 -10.43
C LEU A 196 -7.86 12.75 -10.88
N THR A 197 -7.91 11.75 -10.01
CA THR A 197 -7.41 10.41 -10.34
C THR A 197 -8.39 9.38 -9.82
N GLY A 198 -8.69 8.37 -10.64
CA GLY A 198 -9.61 7.33 -10.22
C GLY A 198 -9.21 5.99 -10.80
N LYS A 199 -9.75 4.93 -10.18
CA LYS A 199 -9.35 3.55 -10.40
C LYS A 199 -10.59 2.71 -10.09
N VAL A 200 -10.81 1.67 -10.87
CA VAL A 200 -11.85 0.68 -10.53
C VAL A 200 -11.38 -0.68 -11.02
N THR A 201 -11.69 -1.72 -10.26
CA THR A 201 -11.27 -3.05 -10.64
C THR A 201 -12.10 -3.57 -11.82
N ILE A 202 -11.49 -4.48 -12.56
CA ILE A 202 -12.06 -5.12 -13.74
C ILE A 202 -12.46 -6.54 -13.36
N PRO A 203 -13.56 -7.08 -13.89
CA PRO A 203 -13.91 -8.47 -13.59
C PRO A 203 -12.73 -9.41 -13.82
N GLY A 204 -12.53 -10.32 -12.87
CA GLY A 204 -11.38 -11.18 -12.83
C GLY A 204 -10.39 -10.86 -11.73
N SER A 205 -10.52 -9.69 -11.10
CA SER A 205 -9.67 -9.33 -9.99
C SER A 205 -10.07 -10.07 -8.72
N ASP A 206 -9.10 -10.21 -7.80
CA ASP A 206 -9.42 -10.69 -6.46
C ASP A 206 -10.22 -9.63 -5.70
N ASN A 207 -9.68 -8.41 -5.59
CA ASN A 207 -10.38 -7.31 -4.96
C ASN A 207 -11.42 -6.74 -5.92
N GLU A 208 -12.45 -6.13 -5.36
CA GLU A 208 -13.48 -5.46 -6.16
C GLU A 208 -13.80 -4.15 -5.46
N TYR A 209 -13.37 -3.03 -6.04
CA TYR A 209 -13.46 -1.74 -5.38
C TYR A 209 -13.15 -0.64 -6.38
N TYR A 210 -13.45 0.60 -5.97
CA TYR A 210 -13.11 1.81 -6.71
C TYR A 210 -12.48 2.80 -5.73
N LYS A 211 -11.78 3.79 -6.28
CA LYS A 211 -11.07 4.76 -5.45
C LYS A 211 -10.88 6.04 -6.26
N VAL A 212 -11.25 7.19 -5.69
CA VAL A 212 -11.15 8.46 -6.40
C VAL A 212 -10.41 9.47 -5.52
N THR A 213 -9.55 10.26 -6.14
CA THR A 213 -8.84 11.32 -5.43
C THR A 213 -8.97 12.63 -6.20
N LEU A 214 -9.16 13.72 -5.47
CA LEU A 214 -9.20 15.07 -6.05
C LEU A 214 -8.26 15.96 -5.25
N ASP A 215 -7.39 16.70 -5.95
CA ASP A 215 -6.49 17.67 -5.33
C ASP A 215 -6.67 19.00 -6.05
N THR A 216 -6.79 20.10 -5.27
CA THR A 216 -6.88 21.44 -5.85
C THR A 216 -5.98 22.42 -5.11
N ALA A 217 -5.47 23.41 -5.87
CA ALA A 217 -4.71 24.52 -5.30
C ALA A 217 -5.00 25.76 -6.12
N THR A 218 -5.32 26.87 -5.44
CA THR A 218 -5.69 28.12 -6.10
C THR A 218 -4.97 29.28 -5.42
N TYR A 219 -4.23 30.05 -6.20
CA TYR A 219 -3.46 31.20 -5.74
C TYR A 219 -4.20 32.46 -6.17
N VAL A 220 -4.51 33.33 -5.21
CA VAL A 220 -5.20 34.59 -5.50
C VAL A 220 -4.33 35.74 -5.01
N PRO A 221 -3.70 36.51 -5.89
CA PRO A 221 -2.86 37.62 -5.42
C PRO A 221 -3.71 38.81 -4.97
N ILE A 222 -3.23 39.50 -3.96
CA ILE A 222 -3.92 40.68 -3.43
C ILE A 222 -3.46 41.95 -4.13
N ASP A 223 -2.14 42.10 -4.28
CA ASP A 223 -1.55 43.30 -4.87
C ASP A 223 -1.14 43.05 -6.32
N ASP A 224 -0.97 44.15 -7.06
CA ASP A 224 -0.47 44.07 -8.42
C ASP A 224 0.92 43.44 -8.49
N ASP A 225 1.73 43.67 -7.45
CA ASP A 225 3.12 43.15 -7.36
C ASP A 225 3.13 41.64 -7.18
N HIS A 226 2.02 41.05 -6.70
CA HIS A 226 1.84 39.60 -6.39
C HIS A 226 2.79 39.21 -5.26
N LYS A 227 3.07 40.12 -4.32
CA LYS A 227 3.94 39.88 -3.16
C LYS A 227 3.07 39.41 -2.00
N TRP A 228 1.75 39.60 -2.09
CA TRP A 228 0.82 39.16 -1.06
C TRP A 228 -0.20 38.25 -1.73
N VAL A 229 -0.29 37.01 -1.28
CA VAL A 229 -1.06 36.00 -2.00
C VAL A 229 -1.80 35.14 -0.99
N VAL A 230 -3.04 34.78 -1.35
CA VAL A 230 -3.84 33.86 -0.54
C VAL A 230 -3.88 32.54 -1.29
N LEU A 231 -3.44 31.47 -0.64
CA LEU A 231 -3.46 30.14 -1.23
C LEU A 231 -4.54 29.30 -0.55
N GLY A 232 -5.40 28.69 -1.36
CA GLY A 232 -6.32 27.69 -0.86
C GLY A 232 -6.04 26.33 -1.47
N ARG A 233 -5.99 25.29 -0.64
CA ARG A 233 -5.73 23.93 -1.10
C ARG A 233 -6.80 22.98 -0.57
N THR A 234 -7.21 22.02 -1.38
CA THR A 234 -8.07 20.94 -0.88
C THR A 234 -7.61 19.61 -1.42
N ARG A 235 -7.89 18.55 -0.64
CA ARG A 235 -7.67 17.18 -1.06
C ARG A 235 -8.83 16.34 -0.55
N TRP A 236 -9.47 15.62 -1.46
CA TRP A 236 -10.57 14.71 -1.13
C TRP A 236 -10.21 13.31 -1.61
N GLY A 237 -10.73 12.30 -0.92
CA GLY A 237 -10.49 10.92 -1.31
C GLY A 237 -11.64 10.04 -0.87
N TYR A 238 -12.12 9.17 -1.77
CA TYR A 238 -13.17 8.23 -1.36
C TYR A 238 -13.01 6.93 -2.15
N GLY A 239 -13.16 5.82 -1.44
CA GLY A 239 -13.15 4.51 -2.07
C GLY A 239 -14.02 3.56 -1.29
N ASP A 240 -14.50 2.53 -1.97
CA ASP A 240 -15.31 1.53 -1.30
C ASP A 240 -15.31 0.26 -2.14
N GLY A 241 -15.66 -0.84 -1.49
CA GLY A 241 -15.79 -2.11 -2.16
C GLY A 241 -17.10 -2.22 -2.91
N LEU A 242 -17.17 -3.24 -3.77
CA LEU A 242 -18.37 -3.52 -4.55
C LEU A 242 -19.02 -4.79 -4.03
N GLY A 243 -20.35 -4.81 -4.00
CA GLY A 243 -21.05 -5.97 -3.49
C GLY A 243 -20.82 -6.07 -2.01
N GLY A 244 -20.41 -7.23 -1.56
CA GLY A 244 -20.07 -7.36 -0.15
C GLY A 244 -18.62 -7.09 0.21
N LYS A 245 -17.76 -6.86 -0.78
CA LYS A 245 -16.35 -6.72 -0.50
C LYS A 245 -16.05 -5.30 -0.01
N GLU A 246 -14.92 -5.18 0.69
CA GLU A 246 -14.42 -3.89 1.12
C GLU A 246 -13.17 -3.55 0.35
N MET A 247 -12.90 -2.25 0.21
CA MET A 247 -11.62 -1.80 -0.32
C MET A 247 -10.48 -2.34 0.53
N PRO A 248 -9.40 -2.82 -0.07
CA PRO A 248 -8.26 -3.28 0.72
C PRO A 248 -7.63 -2.18 1.56
N PHE A 249 -7.29 -2.54 2.80
CA PHE A 249 -6.71 -1.56 3.70
C PHE A 249 -5.37 -1.04 3.19
N TYR A 250 -4.67 -1.82 2.38
CA TYR A 250 -3.39 -1.34 1.85
C TYR A 250 -3.56 -0.32 0.74
N GLU A 251 -4.80 0.09 0.46
CA GLU A 251 -5.09 1.18 -0.46
C GLU A 251 -5.72 2.37 0.27
N ASN A 252 -5.61 2.41 1.60
CA ASN A 252 -6.31 3.42 2.39
C ASN A 252 -5.72 4.81 2.18
N PHE A 253 -6.53 5.81 2.47
CA PHE A 253 -6.05 7.19 2.53
C PHE A 253 -5.45 7.49 3.89
N TYR A 254 -4.52 8.45 3.93
CA TYR A 254 -3.94 8.94 5.17
C TYR A 254 -3.98 10.45 5.19
N ALA A 255 -3.70 11.03 6.36
CA ALA A 255 -3.64 12.47 6.50
C ALA A 255 -2.76 12.80 7.70
N GLY A 256 -2.20 14.01 7.67
CA GLY A 256 -1.22 14.41 8.65
C GLY A 256 0.16 14.50 8.04
N GLY A 257 0.88 15.59 8.29
CA GLY A 257 2.25 15.73 7.84
C GLY A 257 2.47 17.00 7.02
N SER A 258 3.73 17.20 6.66
CA SER A 258 4.14 18.44 5.99
C SER A 258 3.22 18.79 4.83
N SER A 259 2.72 17.80 4.11
CA SER A 259 2.00 18.05 2.88
C SER A 259 0.49 18.07 3.03
N THR A 260 -0.05 17.72 4.20
CA THR A 260 -1.50 17.74 4.37
C THR A 260 -1.95 18.61 5.53
N VAL A 261 -1.74 18.15 6.75
CA VAL A 261 -2.10 18.91 7.96
C VAL A 261 -0.83 19.04 8.78
N ARG A 262 -0.18 20.21 8.69
CA ARG A 262 1.06 20.44 9.40
C ARG A 262 0.83 20.54 10.91
N GLY A 263 1.86 20.16 11.66
CA GLY A 263 1.75 20.04 13.10
C GLY A 263 1.39 18.66 13.60
N PHE A 264 0.89 17.80 12.72
CA PHE A 264 0.60 16.41 13.03
C PHE A 264 1.69 15.51 12.46
N GLN A 265 2.05 14.46 13.21
CA GLN A 265 2.95 13.44 12.68
C GLN A 265 2.39 12.85 11.40
N SER A 266 3.28 12.54 10.46
CA SER A 266 2.84 12.01 9.18
C SER A 266 1.93 10.80 9.40
N ASN A 267 0.76 10.82 8.74
CA ASN A 267 -0.19 9.73 8.66
C ASN A 267 -0.97 9.46 9.95
N THR A 268 -0.82 10.27 10.99
CA THR A 268 -1.44 9.94 12.28
C THR A 268 -2.95 10.16 12.31
N ILE A 269 -3.52 10.94 11.38
CA ILE A 269 -4.90 11.39 11.54
C ILE A 269 -5.87 10.26 11.17
N GLY A 270 -6.88 10.07 12.02
CA GLY A 270 -7.96 9.17 11.70
C GLY A 270 -8.00 7.92 12.57
N PRO A 271 -8.62 6.86 12.06
CA PRO A 271 -8.79 5.66 12.86
C PRO A 271 -7.45 5.12 13.35
N LYS A 272 -7.51 4.42 14.49
CA LYS A 272 -6.37 3.77 15.09
C LYS A 272 -6.66 2.27 15.21
N ALA A 273 -5.60 1.46 15.20
CA ALA A 273 -5.78 0.02 15.23
C ALA A 273 -6.38 -0.41 16.56
N VAL A 274 -7.28 -1.39 16.50
CA VAL A 274 -7.82 -2.05 17.69
C VAL A 274 -7.39 -3.51 17.64
N TYR A 275 -6.50 -3.89 18.54
CA TYR A 275 -5.87 -5.19 18.51
C TYR A 275 -6.67 -6.22 19.29
N PHE A 276 -6.63 -7.47 18.81
CA PHE A 276 -7.28 -8.54 19.53
C PHE A 276 -6.36 -9.08 20.62
N PRO A 277 -6.94 -9.49 21.75
CA PRO A 277 -6.11 -10.02 22.85
C PRO A 277 -5.30 -11.23 22.40
N HIS A 278 -4.09 -11.32 22.91
CA HIS A 278 -3.22 -12.44 22.59
C HIS A 278 -3.78 -13.73 23.18
N GLN A 279 -3.66 -14.81 22.42
CA GLN A 279 -4.24 -16.10 22.80
C GLN A 279 -5.72 -15.94 23.16
N LYS A 298 -9.48 -12.32 26.54
CA LYS A 298 -9.51 -11.04 27.25
C LYS A 298 -10.30 -10.01 26.44
N ASP A 299 -9.98 -8.73 26.63
CA ASP A 299 -10.65 -7.64 25.94
C ASP A 299 -9.75 -7.08 24.83
N LEU A 300 -10.34 -6.25 23.98
CA LEU A 300 -9.59 -5.62 22.91
C LEU A 300 -8.64 -4.57 23.47
N SER A 301 -7.59 -4.27 22.70
CA SER A 301 -6.62 -3.25 23.08
C SER A 301 -6.77 -2.05 22.15
N LYS A 302 -7.10 -0.90 22.72
CA LYS A 302 -7.02 0.35 21.99
C LYS A 302 -5.55 0.74 21.81
N SER A 303 -5.25 1.37 20.68
CA SER A 303 -3.89 1.81 20.44
C SER A 303 -3.93 3.22 19.87
N ASP A 304 -2.74 3.78 19.66
CA ASP A 304 -2.58 5.03 18.93
C ASP A 304 -1.94 4.83 17.56
N ASP A 305 -1.97 3.60 17.03
CA ASP A 305 -1.32 3.27 15.76
C ASP A 305 -2.28 3.54 14.61
N ALA A 306 -1.92 4.50 13.75
CA ALA A 306 -2.81 4.89 12.67
C ALA A 306 -2.96 3.77 11.64
N VAL A 307 -4.17 3.66 11.08
CA VAL A 307 -4.44 2.64 10.08
C VAL A 307 -4.99 3.26 8.79
N GLY A 308 -5.29 4.56 8.80
CA GLY A 308 -5.89 5.19 7.65
C GLY A 308 -7.36 4.83 7.48
N GLY A 309 -7.92 5.23 6.33
CA GLY A 309 -9.32 4.90 6.10
C GLY A 309 -9.70 5.07 4.65
N ASN A 310 -10.95 4.75 4.35
CA ASN A 310 -11.40 4.80 2.96
C ASN A 310 -12.07 6.13 2.59
N ALA A 311 -12.10 7.11 3.50
CA ALA A 311 -12.60 8.44 3.15
C ALA A 311 -11.72 9.49 3.79
N MET A 312 -11.51 10.61 3.09
CA MET A 312 -10.56 11.61 3.55
C MET A 312 -10.91 12.97 2.97
N ALA A 313 -10.73 14.00 3.79
CA ALA A 313 -10.92 15.39 3.34
C ALA A 313 -9.96 16.31 4.09
N VAL A 314 -9.23 17.13 3.34
CA VAL A 314 -8.22 18.02 3.90
C VAL A 314 -8.33 19.36 3.18
N ALA A 315 -8.21 20.45 3.95
CA ALA A 315 -8.22 21.79 3.36
C ALA A 315 -7.18 22.66 4.06
N SER A 316 -6.70 23.67 3.35
CA SER A 316 -5.71 24.57 3.92
C SER A 316 -5.93 25.98 3.37
N LEU A 317 -5.73 26.97 4.23
CA LEU A 317 -5.73 28.38 3.82
C LEU A 317 -4.43 28.96 4.33
N GLU A 318 -3.70 29.68 3.48
CA GLU A 318 -2.49 30.32 3.97
C GLU A 318 -2.26 31.65 3.27
N PHE A 319 -1.63 32.53 4.04
CA PHE A 319 -1.40 33.93 3.72
C PHE A 319 0.09 34.06 3.41
N ILE A 320 0.41 34.21 2.14
CA ILE A 320 1.80 34.32 1.70
C ILE A 320 2.16 35.80 1.70
N THR A 321 3.22 36.13 2.41
CA THR A 321 3.62 37.52 2.56
C THR A 321 5.10 37.68 2.31
N PRO A 322 5.59 38.92 2.15
CA PRO A 322 7.03 39.16 2.21
C PRO A 322 7.59 38.78 3.57
N THR A 323 8.90 38.57 3.61
CA THR A 323 9.55 38.08 4.82
C THR A 323 10.09 39.24 5.63
N PRO A 324 9.68 39.39 6.89
CA PRO A 324 10.16 40.52 7.69
C PRO A 324 11.61 40.34 8.13
N PHE A 325 12.22 41.48 8.46
CA PHE A 325 13.58 41.55 8.98
C PHE A 325 14.63 41.04 8.01
N ILE A 326 14.24 40.68 6.78
CA ILE A 326 15.17 40.07 5.85
C ILE A 326 15.99 41.15 5.16
N SER A 327 17.16 40.74 4.65
CA SER A 327 18.01 41.63 3.89
C SER A 327 17.48 41.79 2.47
N ASP A 328 17.77 42.94 1.86
CA ASP A 328 17.25 43.24 0.54
C ASP A 328 17.79 42.26 -0.50
N LYS A 329 16.91 41.87 -1.44
CA LYS A 329 17.22 40.95 -2.53
C LYS A 329 17.03 39.50 -2.10
N TYR A 330 17.19 39.22 -0.80
CA TYR A 330 16.75 37.91 -0.30
C TYR A 330 15.23 37.80 -0.35
N ALA A 331 14.53 38.93 -0.24
CA ALA A 331 13.08 38.89 -0.06
C ALA A 331 12.39 38.16 -1.20
N ASN A 332 12.81 38.43 -2.45
CA ASN A 332 12.13 37.80 -3.58
C ASN A 332 12.35 36.30 -3.61
N SER A 333 13.44 35.81 -3.02
CA SER A 333 13.74 34.40 -3.04
C SER A 333 13.33 33.67 -1.77
N VAL A 334 12.76 34.37 -0.80
CA VAL A 334 12.35 33.80 0.48
C VAL A 334 10.86 34.09 0.66
N ARG A 335 10.08 33.03 0.85
CA ARG A 335 8.62 33.14 0.96
C ARG A 335 8.20 32.73 2.38
N THR A 336 7.46 33.62 3.04
CA THR A 336 6.88 33.37 4.35
C THR A 336 5.39 33.14 4.18
N SER A 337 4.82 32.28 5.02
CA SER A 337 3.38 32.06 4.96
C SER A 337 2.88 31.75 6.37
N PHE A 338 1.62 32.13 6.60
CA PHE A 338 0.88 31.85 7.81
C PHE A 338 -0.30 31.00 7.40
N PHE A 339 -0.50 29.85 8.04
CA PHE A 339 -1.48 28.91 7.50
C PHE A 339 -2.44 28.44 8.58
N TRP A 340 -3.60 27.97 8.09
CA TRP A 340 -4.62 27.24 8.84
C TRP A 340 -4.91 25.97 8.05
N ASP A 341 -4.56 24.82 8.62
CA ASP A 341 -4.76 23.51 7.99
C ASP A 341 -5.86 22.75 8.71
N MET A 342 -6.51 21.84 8.01
CA MET A 342 -7.58 21.05 8.65
C MET A 342 -7.83 19.78 7.87
N GLY A 343 -8.26 18.73 8.57
CA GLY A 343 -8.40 17.46 7.88
C GLY A 343 -9.05 16.38 8.72
N THR A 344 -9.62 15.41 8.01
CA THR A 344 -10.16 14.22 8.67
C THR A 344 -10.03 13.02 7.73
N VAL A 345 -9.96 11.84 8.35
CA VAL A 345 -9.93 10.55 7.68
C VAL A 345 -10.89 9.67 8.46
N TRP A 346 -11.76 8.94 7.77
CA TRP A 346 -12.71 8.10 8.50
C TRP A 346 -12.94 6.80 7.76
N ASP A 347 -13.60 5.87 8.47
CA ASP A 347 -13.77 4.47 8.08
C ASP A 347 -15.27 4.22 7.92
N THR A 348 -15.76 4.20 6.69
CA THR A 348 -17.21 4.12 6.50
C THR A 348 -17.79 2.77 6.93
N ASN A 349 -16.95 1.76 7.10
CA ASN A 349 -17.41 0.43 7.48
C ASN A 349 -17.22 0.13 8.97
N TRP A 350 -16.75 1.08 9.76
CA TRP A 350 -16.66 0.85 11.19
C TRP A 350 -18.06 0.56 11.73
N ASP A 351 -18.18 -0.54 12.48
CA ASP A 351 -19.46 -0.96 13.06
C ASP A 351 -19.51 -0.48 14.51
N SER A 352 -20.02 0.74 14.70
CA SER A 352 -20.03 1.33 16.03
C SER A 352 -20.86 0.49 16.99
N SER A 353 -21.92 -0.15 16.49
CA SER A 353 -22.78 -0.96 17.34
C SER A 353 -22.01 -2.11 17.99
N GLN A 354 -21.04 -2.69 17.27
CA GLN A 354 -20.32 -3.85 17.78
C GLN A 354 -19.18 -3.49 18.72
N TYR A 355 -18.77 -2.22 18.78
CA TYR A 355 -17.61 -1.80 19.56
C TYR A 355 -17.99 -0.65 20.50
N SER A 356 -18.91 -0.97 21.40
CA SER A 356 -19.37 -0.02 22.40
C SER A 356 -18.24 0.35 23.33
N GLY A 357 -18.08 1.65 23.57
CA GLY A 357 -16.98 2.13 24.36
C GLY A 357 -15.74 2.52 23.58
N TYR A 358 -15.67 2.20 22.29
CA TYR A 358 -14.61 2.65 21.42
C TYR A 358 -15.08 3.83 20.57
N PRO A 359 -14.16 4.68 20.12
CA PRO A 359 -14.57 5.82 19.29
C PRO A 359 -15.27 5.34 18.03
N ASP A 360 -16.17 6.17 17.52
CA ASP A 360 -16.90 5.85 16.29
C ASP A 360 -16.04 6.32 15.11
N TYR A 361 -15.23 5.42 14.57
CA TYR A 361 -14.33 5.82 13.50
C TYR A 361 -15.03 6.05 12.16
N SER A 362 -16.35 5.83 12.09
CA SER A 362 -17.10 6.16 10.89
C SER A 362 -17.62 7.59 10.89
N ASP A 363 -17.38 8.34 11.98
CA ASP A 363 -17.84 9.71 12.12
C ASP A 363 -16.94 10.65 11.31
N PRO A 364 -17.45 11.34 10.29
CA PRO A 364 -16.59 12.23 9.50
C PRO A 364 -16.40 13.62 10.09
N SER A 365 -16.97 13.94 11.25
CA SER A 365 -17.01 15.32 11.71
C SER A 365 -15.90 15.69 12.69
N ASN A 366 -14.98 14.77 12.99
CA ASN A 366 -13.86 15.08 13.88
C ASN A 366 -12.75 15.74 13.05
N ILE A 367 -12.90 17.04 12.84
CA ILE A 367 -11.99 17.78 11.97
C ILE A 367 -10.79 18.25 12.79
N ARG A 368 -9.61 17.74 12.44
CA ARG A 368 -8.38 18.20 13.06
C ARG A 368 -8.02 19.58 12.54
N MET A 369 -7.32 20.36 13.35
CA MET A 369 -6.95 21.70 12.92
C MET A 369 -5.62 22.13 13.52
N SER A 370 -4.86 22.89 12.73
CA SER A 370 -3.62 23.47 13.22
C SER A 370 -3.42 24.83 12.57
N ALA A 371 -2.50 25.59 13.14
CA ALA A 371 -2.10 26.90 12.65
C ALA A 371 -0.61 27.03 12.90
N GLY A 372 0.08 27.78 12.03
CA GLY A 372 1.49 27.92 12.20
C GLY A 372 2.12 28.79 11.11
N ILE A 373 3.44 28.76 11.09
CA ILE A 373 4.27 29.58 10.20
C ILE A 373 5.09 28.63 9.31
N ALA A 374 5.32 29.05 8.07
CA ALA A 374 6.22 28.34 7.18
C ALA A 374 7.19 29.31 6.52
N LEU A 375 8.38 28.81 6.19
CA LEU A 375 9.39 29.53 5.42
C LEU A 375 9.90 28.63 4.31
N GLN A 376 10.15 29.21 3.14
CA GLN A 376 10.60 28.47 1.98
C GLN A 376 11.66 29.28 1.25
N TRP A 377 12.75 28.65 0.84
CA TRP A 377 13.70 29.30 -0.06
C TRP A 377 14.62 28.24 -0.66
N MET A 378 15.37 28.67 -1.68
CA MET A 378 16.29 27.79 -2.37
C MET A 378 17.68 27.89 -1.72
N SER A 379 18.24 26.76 -1.33
CA SER A 379 19.53 26.74 -0.66
C SER A 379 20.55 25.98 -1.50
N PRO A 380 21.82 25.98 -1.08
CA PRO A 380 22.82 25.17 -1.80
C PRO A 380 22.44 23.71 -1.93
N LEU A 381 21.69 23.16 -0.97
CA LEU A 381 21.33 21.76 -0.98
C LEU A 381 20.00 21.49 -1.67
N GLY A 382 19.39 22.51 -2.28
CA GLY A 382 18.14 22.35 -2.97
C GLY A 382 16.98 23.07 -2.32
N PRO A 383 15.75 22.73 -2.73
CA PRO A 383 14.57 23.39 -2.16
C PRO A 383 14.48 23.14 -0.65
N LEU A 384 14.23 24.23 0.08
CA LEU A 384 14.14 24.19 1.53
C LEU A 384 12.78 24.69 1.99
N VAL A 385 12.14 23.92 2.86
CA VAL A 385 10.84 24.31 3.42
C VAL A 385 10.72 23.73 4.82
N PHE A 386 10.34 24.59 5.77
CA PHE A 386 10.08 24.11 7.11
C PHE A 386 8.96 24.93 7.72
N SER A 387 8.36 24.38 8.77
CA SER A 387 7.18 24.97 9.36
C SER A 387 7.14 24.65 10.85
N TYR A 388 6.58 25.59 11.60
CA TYR A 388 6.22 25.37 12.99
C TYR A 388 4.71 25.53 13.09
N ALA A 389 4.03 24.47 13.54
CA ALA A 389 2.58 24.48 13.62
C ALA A 389 2.15 23.95 14.97
N GLN A 390 1.04 24.49 15.48
CA GLN A 390 0.48 24.03 16.73
C GLN A 390 -0.90 23.44 16.45
N PRO A 391 -1.11 22.14 16.64
CA PRO A 391 -2.48 21.62 16.55
C PRO A 391 -3.32 22.13 17.71
N PHE A 392 -4.46 22.71 17.39
CA PHE A 392 -5.40 23.15 18.42
C PHE A 392 -6.71 22.39 18.37
N LYS A 393 -6.85 21.41 17.48
CA LYS A 393 -7.97 20.48 17.53
C LYS A 393 -7.43 19.09 17.15
N LYS A 394 -7.40 18.19 18.12
CA LYS A 394 -6.89 16.83 17.94
C LYS A 394 -7.93 15.81 18.39
N TYR A 395 -7.79 14.59 17.91
CA TYR A 395 -8.71 13.53 18.33
C TYR A 395 -8.04 12.18 18.40
N ASP A 396 -8.66 11.27 19.17
CA ASP A 396 -8.38 9.82 19.07
C ASP A 396 -6.87 9.52 19.08
N GLY A 397 -6.17 10.18 20.00
CA GLY A 397 -4.75 9.95 20.16
C GLY A 397 -3.89 10.35 18.98
N ASP A 398 -4.33 11.32 18.16
CA ASP A 398 -3.45 11.85 17.13
C ASP A 398 -2.12 12.26 17.76
N LYS A 399 -1.01 12.06 17.03
CA LYS A 399 0.31 12.43 17.53
C LYS A 399 0.75 13.77 16.95
N ALA A 400 1.28 14.64 17.80
CA ALA A 400 1.71 15.97 17.39
C ALA A 400 3.14 15.96 16.90
N GLU A 401 3.46 16.89 16.00
CA GLU A 401 4.82 17.09 15.48
C GLU A 401 4.93 18.54 15.02
N GLN A 402 5.31 19.42 15.95
CA GLN A 402 5.24 20.86 15.70
C GLN A 402 6.21 21.30 14.61
N PHE A 403 7.43 20.80 14.62
CA PHE A 403 8.46 21.27 13.69
C PHE A 403 8.67 20.23 12.59
N GLN A 404 8.49 20.66 11.34
CA GLN A 404 8.57 19.77 10.19
C GLN A 404 9.36 20.48 9.09
N PHE A 405 10.15 19.70 8.34
CA PHE A 405 11.02 20.28 7.34
C PHE A 405 11.25 19.30 6.20
N ASN A 406 11.78 19.83 5.10
CA ASN A 406 12.15 19.01 3.96
C ASN A 406 13.26 19.74 3.20
N ILE A 407 14.30 19.01 2.82
CA ILE A 407 15.38 19.54 2.00
C ILE A 407 15.50 18.67 0.77
N GLY A 408 15.35 19.28 -0.41
CA GLY A 408 15.39 18.55 -1.66
C GLY A 408 14.01 18.20 -2.18
N GLN B 2 -16.33 -40.15 -1.51
CA GLN B 2 -15.28 -39.79 -0.56
C GLN B 2 -14.04 -39.24 -1.28
N MET B 3 -13.69 -37.99 -0.97
CA MET B 3 -12.51 -37.38 -1.59
C MET B 3 -11.25 -38.13 -1.18
N GLN B 4 -10.39 -38.39 -2.15
CA GLN B 4 -9.09 -39.01 -1.94
C GLN B 4 -8.00 -38.00 -2.23
N LEU B 5 -6.90 -38.07 -1.48
CA LEU B 5 -5.75 -37.22 -1.69
C LEU B 5 -4.52 -38.07 -1.97
N VAL B 6 -3.77 -37.72 -3.01
CA VAL B 6 -2.60 -38.49 -3.42
C VAL B 6 -1.42 -37.53 -3.59
N GLU B 7 -0.39 -37.70 -2.75
CA GLU B 7 0.80 -36.86 -2.81
C GLU B 7 1.83 -37.48 -3.76
N SER B 8 2.59 -36.62 -4.43
CA SER B 8 3.74 -37.07 -5.21
C SER B 8 4.80 -35.99 -5.18
N GLY B 9 6.01 -36.34 -5.60
CA GLY B 9 7.11 -35.41 -5.69
C GLY B 9 8.24 -35.70 -4.75
N GLY B 10 8.05 -36.59 -3.78
CA GLY B 10 9.11 -36.88 -2.83
C GLY B 10 10.22 -37.67 -3.49
N GLY B 11 11.45 -37.38 -3.08
CA GLY B 11 12.60 -38.09 -3.58
C GLY B 11 13.81 -37.86 -2.70
N LEU B 12 14.96 -38.25 -3.22
CA LEU B 12 16.24 -37.99 -2.57
C LEU B 12 16.80 -36.68 -3.10
N VAL B 13 17.27 -35.83 -2.20
CA VAL B 13 17.75 -34.50 -2.56
C VAL B 13 18.94 -34.16 -1.67
N GLN B 14 19.87 -33.37 -2.22
CA GLN B 14 21.06 -32.97 -1.51
C GLN B 14 20.82 -31.66 -0.75
N ALA B 15 21.45 -31.55 0.42
CA ALA B 15 21.28 -30.35 1.24
C ALA B 15 21.55 -29.10 0.42
N GLY B 16 20.69 -28.10 0.60
CA GLY B 16 20.73 -26.90 -0.21
C GLY B 16 19.82 -26.94 -1.42
N GLY B 17 19.42 -28.13 -1.87
CA GLY B 17 18.57 -28.26 -3.03
C GLY B 17 17.12 -27.95 -2.72
N SER B 18 16.28 -28.14 -3.74
CA SER B 18 14.86 -27.85 -3.66
C SER B 18 14.05 -29.01 -4.22
N LEU B 19 12.75 -28.93 -4.00
CA LEU B 19 11.80 -29.98 -4.37
C LEU B 19 10.43 -29.33 -4.39
N THR B 20 9.53 -29.89 -5.18
CA THR B 20 8.15 -29.42 -5.23
C THR B 20 7.24 -30.62 -5.01
N LEU B 21 6.40 -30.57 -3.98
CA LEU B 21 5.44 -31.63 -3.75
C LEU B 21 4.10 -31.24 -4.36
N SER B 22 3.36 -32.24 -4.83
CA SER B 22 2.02 -32.03 -5.34
C SER B 22 1.08 -32.96 -4.60
N CYS B 23 -0.16 -32.49 -4.41
CA CYS B 23 -1.23 -33.31 -3.83
C CYS B 23 -2.46 -33.15 -4.71
N ALA B 24 -2.89 -34.24 -5.34
CA ALA B 24 -4.06 -34.23 -6.22
C ALA B 24 -5.27 -34.73 -5.45
N ALA B 25 -6.42 -34.11 -5.70
CA ALA B 25 -7.65 -34.42 -5.02
C ALA B 25 -8.69 -34.94 -6.01
N SER B 26 -9.38 -36.01 -5.63
CA SER B 26 -10.43 -36.58 -6.45
C SER B 26 -11.76 -35.89 -6.18
N GLY B 27 -12.70 -36.06 -7.10
CA GLY B 27 -14.01 -35.44 -6.98
C GLY B 27 -14.01 -33.99 -7.44
N ARG B 28 -15.12 -33.32 -7.16
CA ARG B 28 -15.32 -31.93 -7.59
C ARG B 28 -15.52 -30.98 -6.40
N THR B 29 -15.14 -31.40 -5.20
CA THR B 29 -15.38 -30.59 -4.02
C THR B 29 -14.09 -29.97 -3.46
N PHE B 30 -13.01 -29.95 -4.24
CA PHE B 30 -11.72 -29.51 -3.74
C PHE B 30 -11.77 -28.09 -3.19
N SER B 31 -12.46 -27.19 -3.86
CA SER B 31 -12.51 -25.81 -3.41
C SER B 31 -13.32 -25.64 -2.12
N ASP B 32 -14.00 -26.68 -1.66
CA ASP B 32 -14.73 -26.62 -0.39
C ASP B 32 -13.81 -26.74 0.81
N TYR B 33 -12.50 -26.97 0.61
CA TYR B 33 -11.63 -27.35 1.71
C TYR B 33 -10.40 -26.47 1.79
N ASP B 34 -10.11 -26.00 3.00
CA ASP B 34 -8.78 -25.57 3.35
C ASP B 34 -7.85 -26.77 3.30
N MET B 35 -6.61 -26.54 2.87
CA MET B 35 -5.67 -27.62 2.66
C MET B 35 -4.45 -27.41 3.54
N GLY B 36 -3.83 -28.51 3.96
CA GLY B 36 -2.65 -28.41 4.79
C GLY B 36 -1.62 -29.45 4.41
N TRP B 37 -0.36 -29.11 4.68
CA TRP B 37 0.77 -30.03 4.57
C TRP B 37 1.31 -30.29 5.98
N PHE B 38 1.54 -31.56 6.29
CA PHE B 38 2.12 -32.00 7.56
C PHE B 38 3.33 -32.89 7.23
N ARG B 39 4.14 -33.16 8.24
CA ARG B 39 5.26 -34.05 8.00
C ARG B 39 5.56 -34.85 9.27
N GLN B 40 6.19 -36.01 9.07
CA GLN B 40 6.47 -36.92 10.16
C GLN B 40 7.85 -37.55 9.96
N ALA B 41 8.79 -37.15 10.79
CA ALA B 41 10.13 -37.71 10.78
C ALA B 41 10.13 -39.03 11.55
N PRO B 42 11.10 -39.90 11.27
CA PRO B 42 11.15 -41.20 11.95
C PRO B 42 11.25 -41.05 13.45
N GLY B 43 10.36 -41.74 14.16
CA GLY B 43 10.39 -41.73 15.62
C GLY B 43 9.68 -40.56 16.25
N LYS B 44 8.95 -39.77 15.47
CA LYS B 44 8.34 -38.56 15.98
C LYS B 44 6.88 -38.49 15.53
N ALA B 45 6.14 -37.63 16.23
CA ALA B 45 4.74 -37.38 15.92
C ALA B 45 4.61 -36.49 14.70
N ARG B 46 3.51 -36.66 13.98
CA ARG B 46 3.21 -35.82 12.83
C ARG B 46 3.06 -34.36 13.27
N GLU B 47 3.52 -33.43 12.42
CA GLU B 47 3.55 -32.02 12.77
C GLU B 47 3.17 -31.13 11.59
N PHE B 48 2.56 -29.99 11.91
CA PHE B 48 2.11 -29.02 10.92
C PHE B 48 3.27 -28.37 10.18
N VAL B 49 3.06 -28.11 8.88
CA VAL B 49 4.06 -27.48 8.02
C VAL B 49 3.52 -26.20 7.39
N ALA B 50 2.31 -26.27 6.82
CA ALA B 50 1.79 -25.13 6.04
C ALA B 50 0.31 -25.36 5.74
N ARG B 51 -0.44 -24.25 5.56
CA ARG B 51 -1.84 -24.38 5.19
C ARG B 51 -2.26 -23.26 4.25
N ILE B 52 -3.37 -23.51 3.54
CA ILE B 52 -3.85 -22.54 2.54
C ILE B 52 -5.37 -22.54 2.49
N SER B 53 -5.95 -21.36 2.35
CA SER B 53 -7.39 -21.17 2.39
C SER B 53 -8.03 -21.73 1.13
N ARG B 54 -9.36 -21.92 1.21
CA ARG B 54 -10.14 -22.37 0.06
C ARG B 54 -9.83 -21.54 -1.18
N SER B 55 -9.84 -20.20 -1.04
CA SER B 55 -9.62 -19.31 -2.17
C SER B 55 -8.20 -19.41 -2.71
N GLY B 56 -7.24 -19.86 -1.90
CA GLY B 56 -5.86 -19.85 -2.27
C GLY B 56 -5.12 -18.59 -1.88
N ARG B 57 -5.80 -17.58 -1.34
CA ARG B 57 -5.14 -16.31 -1.10
C ARG B 57 -4.45 -16.24 0.25
N MET B 58 -4.91 -16.98 1.26
CA MET B 58 -4.38 -16.86 2.61
C MET B 58 -3.59 -18.11 2.94
N THR B 59 -2.40 -17.91 3.52
CA THR B 59 -1.50 -19.02 3.84
C THR B 59 -0.80 -18.74 5.15
N SER B 60 -0.30 -19.81 5.77
CA SER B 60 0.58 -19.65 6.92
C SER B 60 1.51 -20.84 6.98
N LEU B 61 2.62 -20.66 7.72
CA LEU B 61 3.70 -21.63 7.71
C LEU B 61 4.19 -21.84 9.14
N ALA B 62 4.67 -23.04 9.42
CA ALA B 62 5.30 -23.32 10.70
C ALA B 62 6.63 -22.57 10.78
N ASP B 63 7.05 -22.29 12.01
CA ASP B 63 8.26 -21.48 12.22
C ASP B 63 9.47 -22.15 11.59
N SER B 64 9.50 -23.48 11.61
CA SER B 64 10.67 -24.23 11.16
C SER B 64 10.90 -24.13 9.65
N VAL B 65 9.90 -23.70 8.88
CA VAL B 65 10.03 -23.58 7.44
C VAL B 65 9.84 -22.16 6.95
N LYS B 66 9.63 -21.20 7.84
CA LYS B 66 9.48 -19.81 7.42
C LYS B 66 10.66 -19.41 6.54
N GLY B 67 10.34 -18.68 5.48
CA GLY B 67 11.35 -18.17 4.57
C GLY B 67 11.94 -19.20 3.62
N ARG B 68 11.51 -20.45 3.69
CA ARG B 68 12.05 -21.48 2.83
C ARG B 68 10.98 -22.21 2.04
N PHE B 69 9.82 -22.48 2.64
CA PHE B 69 8.76 -23.24 2.00
C PHE B 69 7.65 -22.28 1.58
N THR B 70 6.90 -22.68 0.57
CA THR B 70 5.75 -21.93 0.11
C THR B 70 4.65 -22.89 -0.32
N ILE B 71 3.42 -22.57 0.06
CA ILE B 71 2.25 -23.36 -0.29
C ILE B 71 1.38 -22.57 -1.26
N SER B 72 0.85 -23.27 -2.26
CA SER B 72 -0.04 -22.68 -3.25
C SER B 72 -1.04 -23.75 -3.70
N ARG B 73 -2.10 -23.32 -4.39
CA ARG B 73 -3.06 -24.28 -4.92
C ARG B 73 -3.58 -23.82 -6.27
N ASP B 74 -4.06 -24.81 -7.04
CA ASP B 74 -4.67 -24.58 -8.35
C ASP B 74 -6.04 -25.26 -8.33
N ASN B 75 -7.10 -24.50 -8.03
CA ASN B 75 -8.42 -25.11 -7.87
C ASN B 75 -8.91 -25.71 -9.19
N GLY B 76 -8.47 -25.18 -10.32
CA GLY B 76 -8.85 -25.75 -11.60
C GLY B 76 -8.29 -27.16 -11.78
N LYS B 77 -7.05 -27.38 -11.34
CA LYS B 77 -6.43 -28.70 -11.42
C LYS B 77 -6.64 -29.52 -10.15
N ARG B 78 -7.37 -29.00 -9.16
CA ARG B 78 -7.66 -29.72 -7.93
C ARG B 78 -6.37 -30.20 -7.25
N THR B 79 -5.39 -29.31 -7.18
CA THR B 79 -4.07 -29.67 -6.70
C THR B 79 -3.53 -28.59 -5.76
N VAL B 80 -2.84 -29.03 -4.71
CA VAL B 80 -2.14 -28.14 -3.79
C VAL B 80 -0.67 -28.50 -3.88
N TYR B 81 0.19 -27.49 -3.75
CA TYR B 81 1.63 -27.67 -3.93
C TYR B 81 2.37 -27.21 -2.68
N LEU B 82 3.52 -27.83 -2.44
CA LEU B 82 4.48 -27.39 -1.44
C LEU B 82 5.82 -27.21 -2.14
N GLN B 83 6.29 -25.97 -2.23
CA GLN B 83 7.60 -25.66 -2.79
C GLN B 83 8.61 -25.63 -1.64
N MET B 84 9.63 -26.49 -1.70
CA MET B 84 10.58 -26.64 -0.60
C MET B 84 11.97 -26.24 -1.07
N ASN B 85 12.46 -25.10 -0.60
CA ASN B 85 13.79 -24.62 -0.96
C ASN B 85 14.74 -24.71 0.25
N SER B 86 16.02 -24.52 -0.04
CA SER B 86 17.09 -24.51 0.98
C SER B 86 16.88 -25.63 2.01
N LEU B 87 16.82 -26.85 1.51
CA LEU B 87 16.57 -27.99 2.36
C LEU B 87 17.79 -28.36 3.19
N LYS B 88 17.52 -28.86 4.40
CA LYS B 88 18.52 -29.31 5.36
C LYS B 88 18.20 -30.74 5.76
N PRO B 89 19.14 -31.46 6.35
CA PRO B 89 18.84 -32.85 6.75
C PRO B 89 17.67 -32.97 7.71
N GLU B 90 17.39 -31.93 8.50
CA GLU B 90 16.27 -31.97 9.43
C GLU B 90 14.91 -31.98 8.72
N ASP B 91 14.86 -31.73 7.41
CA ASP B 91 13.60 -31.76 6.69
C ASP B 91 13.22 -33.16 6.23
N THR B 92 14.10 -34.14 6.42
CA THR B 92 13.78 -35.51 6.07
C THR B 92 12.56 -36.01 6.85
N ALA B 93 11.55 -36.50 6.12
CA ALA B 93 10.34 -37.00 6.73
C ALA B 93 9.37 -37.51 5.67
N VAL B 94 8.27 -38.12 6.10
CA VAL B 94 7.14 -38.34 5.22
C VAL B 94 6.25 -37.10 5.28
N TYR B 95 5.82 -36.62 4.11
CA TYR B 95 5.02 -35.41 4.00
C TYR B 95 3.60 -35.81 3.61
N TYR B 96 2.62 -35.32 4.38
CA TYR B 96 1.21 -35.67 4.20
C TYR B 96 0.42 -34.44 3.79
N CYS B 97 -0.52 -34.65 2.88
CA CYS B 97 -1.53 -33.67 2.48
C CYS B 97 -2.80 -33.90 3.28
N ALA B 98 -3.46 -32.80 3.67
CA ALA B 98 -4.66 -32.88 4.49
C ALA B 98 -5.67 -31.84 4.02
N ALA B 99 -6.95 -32.17 4.18
CA ALA B 99 -8.05 -31.29 3.81
C ALA B 99 -9.07 -31.17 4.93
N ASP B 100 -9.53 -29.94 5.20
CA ASP B 100 -10.55 -29.72 6.20
C ASP B 100 -11.43 -28.53 5.84
N PRO B 101 -12.70 -28.54 6.21
CA PRO B 101 -13.57 -27.39 5.88
C PRO B 101 -13.21 -26.14 6.66
N GLN B 102 -12.42 -26.24 7.73
CA GLN B 102 -12.18 -25.10 8.61
C GLN B 102 -10.72 -24.71 8.61
N TRP B 103 -10.47 -23.41 8.42
CA TRP B 103 -9.11 -22.85 8.43
C TRP B 103 -8.41 -23.09 9.76
N SER B 104 -9.08 -22.83 10.88
CA SER B 104 -8.39 -22.92 12.15
C SER B 104 -8.08 -24.36 12.51
N ARG B 105 -8.91 -25.32 12.07
CA ARG B 105 -8.66 -26.71 12.41
C ARG B 105 -7.49 -27.27 11.61
N VAL B 106 -7.38 -26.91 10.33
CA VAL B 106 -6.42 -27.54 9.45
C VAL B 106 -4.99 -27.28 9.87
N ARG B 107 -4.77 -26.41 10.86
CA ARG B 107 -3.42 -26.27 11.41
C ARG B 107 -3.03 -27.43 12.31
N SER B 108 -4.00 -28.19 12.79
CA SER B 108 -3.70 -29.28 13.72
C SER B 108 -4.28 -30.62 13.33
N GLY B 109 -5.22 -30.69 12.39
CA GLY B 109 -5.82 -31.96 12.04
C GLY B 109 -6.75 -31.78 10.85
N ALA B 110 -7.40 -32.87 10.46
CA ALA B 110 -8.20 -32.78 9.25
C ALA B 110 -9.15 -33.96 9.12
N ASP B 111 -10.18 -33.75 8.28
CA ASP B 111 -11.14 -34.78 7.93
C ASP B 111 -10.62 -35.75 6.88
N TYR B 112 -9.66 -35.32 6.06
CA TYR B 112 -9.15 -36.14 4.97
C TYR B 112 -7.63 -36.10 4.94
N TRP B 113 -7.01 -37.27 4.78
CA TRP B 113 -5.56 -37.43 4.83
C TRP B 113 -5.09 -38.24 3.63
N GLY B 114 -3.92 -37.86 3.10
CA GLY B 114 -3.25 -38.68 2.10
C GLY B 114 -2.36 -39.74 2.73
N GLN B 115 -1.75 -40.55 1.87
CA GLN B 115 -0.89 -41.64 2.33
C GLN B 115 0.57 -41.23 2.44
N GLY B 116 0.93 -40.02 2.02
CA GLY B 116 2.25 -39.49 2.26
C GLY B 116 3.21 -39.73 1.11
N THR B 117 4.25 -38.89 1.06
CA THR B 117 5.33 -39.02 0.09
C THR B 117 6.62 -38.70 0.82
N ARG B 118 7.64 -39.52 0.59
CA ARG B 118 8.85 -39.48 1.40
C ARG B 118 9.88 -38.54 0.81
N VAL B 119 10.54 -37.79 1.69
CA VAL B 119 11.60 -36.86 1.31
C VAL B 119 12.85 -37.20 2.13
N THR B 120 13.97 -37.41 1.45
CA THR B 120 15.24 -37.65 2.14
C THR B 120 16.25 -36.59 1.71
N VAL B 121 16.74 -35.81 2.68
CA VAL B 121 17.75 -34.79 2.44
C VAL B 121 19.05 -35.29 3.02
N SER B 122 20.03 -35.55 2.16
CA SER B 122 21.34 -36.03 2.58
C SER B 122 22.30 -34.86 2.80
N ALA B 123 23.17 -35.03 3.79
CA ALA B 123 24.18 -34.02 4.12
C ALA B 123 25.46 -34.28 3.32
C1 C8E C . -13.63 24.58 16.54
C2 C8E C . -13.67 25.69 15.49
C3 C8E C . -12.34 26.43 15.44
C4 C8E C . -12.25 27.35 14.23
C5 C8E C . -11.04 28.26 14.34
C6 C8E C . -10.90 29.15 13.11
C7 C8E C . -9.71 30.10 13.27
C8 C8E C . -8.41 29.41 12.87
O9 C8E C . -7.33 30.24 13.21
C10 C8E C . -6.28 30.21 12.26
H12 C8E C . -14.30 24.84 17.36
H21 C8E C . -14.47 26.39 15.72
H22 C8E C . -13.87 25.26 14.51
H31 C8E C . -12.21 27.02 16.36
H32 C8E C . -11.52 25.71 15.40
H41 C8E C . -12.19 26.76 13.32
H42 C8E C . -13.16 27.96 14.17
H51 C8E C . -11.14 28.90 15.23
H52 C8E C . -10.14 27.66 14.46
H61 C8E C . -11.81 29.73 12.97
H62 C8E C . -10.77 28.53 12.23
H71 C8E C . -9.87 30.97 12.64
H72 C8E C . -9.64 30.43 14.30
H81 C8E C . -8.32 28.45 13.39
H82 C8E C . -8.40 29.21 11.80
H101 C8E C . -6.57 30.81 11.40
H102 C8E C . -5.38 30.66 12.68
C1 C8E D . -10.24 26.45 -0.76
C2 C8E D . -10.25 25.67 0.56
C3 C8E D . -9.72 26.53 1.69
C4 C8E D . -10.36 26.14 3.01
C5 C8E D . -10.77 27.38 3.82
C6 C8E D . -12.11 27.17 4.51
C7 C8E D . -12.64 28.48 5.07
H11 C8E D . -9.52 27.26 -0.70
H12 C8E D . -11.23 26.85 -0.96
H13 C8E D . -9.95 25.78 -1.57
H21 C8E D . -11.27 25.35 0.79
H22 C8E D . -9.63 24.77 0.46
H31 C8E D . -8.64 26.41 1.76
H32 C8E D . -9.93 27.58 1.48
H41 C8E D . -11.24 25.53 2.83
H42 C8E D . -9.66 25.55 3.60
H51 C8E D . -10.00 27.59 4.56
H52 C8E D . -10.84 28.23 3.15
H61 C8E D . -12.82 26.76 3.81
H62 C8E D . -11.99 26.45 5.32
H71 C8E D . -11.81 29.09 5.44
H72 C8E D . -13.13 29.04 4.28
C1 C8E E . -9.51 29.26 -2.54
C2 C8E E . -8.43 30.25 -2.92
C3 C8E E . -8.34 31.39 -1.93
C4 C8E E . -9.73 31.95 -1.63
C5 C8E E . -9.71 33.45 -1.35
C6 C8E E . -11.08 34.06 -1.65
C7 C8E E . -10.93 35.43 -2.31
H11 C8E E . -9.71 29.32 -1.47
H12 C8E E . -10.43 29.48 -3.09
H13 C8E E . -9.19 28.25 -2.78
H21 C8E E . -8.63 30.65 -3.92
H22 C8E E . -7.47 29.73 -2.97
H31 C8E E . -7.88 31.04 -1.00
H32 C8E E . -7.72 32.18 -2.33
H41 C8E E . -10.15 31.43 -0.76
H42 C8E E . -10.39 31.75 -2.47
H51 C8E E . -9.44 33.63 -0.32
H52 C8E E . -8.95 33.92 -1.98
H61 C8E E . -11.64 33.40 -2.30
H62 C8E E . -11.64 34.17 -0.72
H71 C8E E . -10.66 36.17 -1.57
H72 C8E E . -11.88 35.73 -2.75
C1 C8E F . 20.62 17.05 0.63
C2 C8E F . 19.99 16.55 1.93
C3 C8E F . 21.06 16.13 2.93
C4 C8E F . 21.42 14.66 2.74
C5 C8E F . 21.93 14.04 4.03
C6 C8E F . 20.79 13.78 5.02
C7 C8E F . 21.31 13.50 6.43
C8 C8E F . 21.22 12.03 6.81
O9 C8E F . 21.10 11.93 8.21
C10 C8E F . 20.62 10.67 8.63
C11 C8E F . 19.79 10.79 9.90
O12 C8E F . 19.08 9.60 10.16
C13 C8E F . 18.64 9.53 11.49
C14 C8E F . 18.13 8.13 11.81
O15 C8E F . 17.32 8.17 12.97
C16 C8E F . 17.38 6.96 13.69
H12 C8E F . 21.71 16.89 0.67
H21 C8E F . 19.34 15.71 1.70
H22 C8E F . 19.39 17.35 2.35
H31 C8E F . 21.95 16.74 2.80
H32 C8E F . 20.68 16.28 3.94
H41 C8E F . 20.54 14.11 2.40
H42 C8E F . 22.19 14.57 1.98
H51 C8E F . 22.43 13.10 3.81
H52 C8E F . 22.66 14.70 4.50
H61 C8E F . 20.14 14.66 5.05
H62 C8E F . 20.20 12.94 4.68
H71 C8E F . 22.36 13.81 6.48
H72 C8E F . 20.75 14.09 7.14
H81 C8E F . 20.36 11.57 6.33
H82 C8E F . 22.11 11.50 6.48
H101 C8E F . 20.00 10.23 7.83
H102 C8E F . 21.45 9.99 8.81
H111 C8E F . 19.08 11.62 9.79
H112 C8E F . 20.44 11.03 10.74
H131 C8E F . 17.84 10.26 11.65
H132 C8E F . 19.46 9.79 12.16
H141 C8E F . 17.56 7.75 10.97
H142 C8E F . 18.97 7.46 11.98
H161 C8E F . 17.16 6.13 13.00
H162 C8E F . 18.38 6.80 14.09
C1 C8E G . -0.55 -8.52 -17.62
C2 C8E G . 0.04 -9.60 -16.72
C3 C8E G . -1.04 -10.52 -16.16
C4 C8E G . -0.42 -11.79 -15.57
C5 C8E G . -1.49 -12.80 -15.18
C6 C8E G . -1.11 -13.56 -13.91
C7 C8E G . -2.34 -14.04 -13.16
H11 C8E G . -1.63 -8.62 -17.66
H12 C8E G . -0.29 -7.54 -17.23
H13 C8E G . -0.14 -8.64 -18.63
H21 C8E G . 0.75 -10.19 -17.28
H22 C8E G . 0.57 -9.13 -15.89
H31 C8E G . -1.60 -10.00 -15.38
H32 C8E G . -1.75 -10.79 -16.94
H41 C8E G . 0.18 -11.54 -14.70
H42 C8E G . 0.24 -12.23 -16.32
H51 C8E G . -1.65 -13.51 -15.99
H52 C8E G . -2.43 -12.27 -15.01
H61 C8E G . -0.48 -14.41 -14.17
H62 C8E G . -0.52 -12.91 -13.26
H71 C8E G . -2.05 -14.71 -12.35
H72 C8E G . -2.99 -14.60 -13.83
C1 C8E H . -7.52 2.03 -22.01
C2 C8E H . -6.78 1.23 -23.05
C3 C8E H . -5.28 1.16 -22.77
C4 C8E H . -4.48 1.47 -24.03
C5 C8E H . -4.31 0.25 -24.93
C6 C8E H . -4.12 0.68 -26.38
C7 C8E H . -3.78 -0.51 -27.29
H11 C8E H . -6.88 2.18 -21.13
H12 C8E H . -8.42 1.50 -21.71
H13 C8E H . -7.80 3.01 -22.41
H21 C8E H . -6.94 1.68 -24.04
H22 C8E H . -7.19 0.22 -23.10
H31 C8E H . -5.03 1.88 -21.99
H32 C8E H . -5.03 0.16 -22.41
H41 C8E H . -3.49 1.83 -23.73
H42 C8E H . -4.98 2.26 -24.58
H51 C8E H . -3.45 -0.33 -24.61
H52 C8E H . -5.20 -0.38 -24.85
H61 C8E H . -5.04 1.15 -26.75
H62 C8E H . -3.32 1.41 -26.44
H71 C8E H . -2.76 -0.42 -27.64
H72 C8E H . -3.89 -1.43 -26.73
C1 C8E I . 4.13 0.55 -24.98
C2 C8E I . 2.88 -0.30 -25.11
C3 C8E I . 2.93 -1.51 -24.18
C4 C8E I . 2.22 -2.71 -24.79
C5 C8E I . 0.82 -2.35 -25.30
C6 C8E I . -0.17 -3.49 -25.03
C7 C8E I . -1.61 -3.01 -25.11
C8 C8E I . -2.58 -4.12 -24.70
O9 C8E I . -2.26 -4.61 -23.42
C10 C8E I . -3.40 -4.93 -22.66
C11 C8E I . -3.06 -5.99 -21.61
O12 C8E I . -2.92 -7.26 -22.19
C13 C8E I . -2.25 -8.18 -21.35
C14 C8E I . -1.51 -9.22 -22.18
H11 C8E I . 4.71 0.22 -24.12
H12 C8E I . 4.73 0.45 -25.88
H13 C8E I . 3.85 1.59 -24.85
H21 C8E I . 2.00 0.31 -24.86
H22 C8E I . 2.76 -0.64 -26.14
H31 C8E I . 3.97 -1.77 -23.98
H32 C8E I . 2.46 -1.25 -23.23
H41 C8E I . 2.15 -3.50 -24.05
H42 C8E I . 2.81 -3.09 -25.63
H51 C8E I . 0.48 -1.45 -24.80
H52 C8E I . 0.86 -2.15 -26.37
H61 C8E I . 0.03 -3.91 -24.04
H62 C8E I . 0.00 -4.28 -25.76
H71 C8E I . -1.74 -2.15 -24.45
H72 C8E I . -1.83 -2.70 -26.13
H81 C8E I . -3.60 -3.72 -24.69
H82 C8E I . -2.54 -4.93 -25.42
H101 C8E I . -4.18 -5.31 -23.32
H102 C8E I . -3.78 -4.04 -22.17
H111 C8E I . -3.84 -6.02 -20.85
H112 C8E I . -2.12 -5.71 -21.11
H131 C8E I . -2.97 -8.68 -20.70
H132 C8E I . -1.55 -7.64 -20.72
H141 C8E I . -2.02 -10.18 -22.11
H142 C8E I . -0.50 -9.34 -21.78
C1 C8E J . 7.49 -1.48 -20.41
C2 C8E J . 6.45 -2.43 -19.82
C3 C8E J . 5.17 -2.47 -20.64
C4 C8E J . 4.14 -3.30 -19.89
C5 C8E J . 2.83 -3.45 -20.67
C6 C8E J . 2.65 -4.90 -21.09
C7 C8E J . 1.19 -5.32 -21.05
H11 C8E J . 7.12 -1.05 -21.33
H12 C8E J . 8.40 -2.04 -20.61
H13 C8E J . 7.70 -0.69 -19.68
H21 C8E J . 6.88 -3.43 -19.77
H22 C8E J . 6.21 -2.11 -18.81
H31 C8E J . 4.79 -1.47 -20.81
H32 C8E J . 5.36 -2.92 -21.62
H41 C8E J . 4.54 -4.29 -19.68
H42 C8E J . 3.92 -2.81 -18.93
H51 C8E J . 1.99 -3.14 -20.05
H52 C8E J . 2.85 -2.80 -21.54
H61 C8E J . 3.03 -5.02 -22.11
H62 C8E J . 3.24 -5.54 -20.44
H71 C8E J . 0.57 -4.57 -21.53
H72 C8E J . 0.87 -5.41 -20.01
C1 C8E K . 11.94 -3.04 -12.34
C2 C8E K . 11.26 -4.26 -12.95
C3 C8E K . 10.25 -4.85 -11.99
C4 C8E K . 9.90 -6.30 -12.30
C5 C8E K . 9.16 -6.89 -11.11
C6 C8E K . 8.97 -8.40 -11.18
C7 C8E K . 8.90 -8.96 -9.76
C8 C8E K . 8.66 -10.46 -9.75
O9 C8E K . 8.62 -10.92 -8.41
C10 C8E K . 8.13 -12.25 -8.33
H11 C8E K . 11.48 -2.81 -11.37
H12 C8E K . 11.82 -2.18 -13.01
H13 C8E K . 13.00 -3.25 -12.20
H21 C8E K . 10.77 -3.98 -13.87
H22 C8E K . 12.01 -5.01 -13.19
H31 C8E K . 10.65 -4.80 -10.97
H32 C8E K . 9.34 -4.25 -12.02
H41 C8E K . 9.26 -6.34 -13.19
H42 C8E K . 10.80 -6.87 -12.50
H51 C8E K . 9.72 -6.65 -10.20
H52 C8E K . 8.18 -6.42 -11.03
H61 C8E K . 8.05 -8.63 -11.72
H62 C8E K . 9.80 -8.85 -11.72
H71 C8E K . 9.83 -8.75 -9.25
H72 C8E K . 8.09 -8.46 -9.22
H81 C8E K . 7.71 -10.68 -10.24
H82 C8E K . 9.44 -10.97 -10.29
H101 C8E K . 7.42 -12.33 -7.52
H102 C8E K . 8.96 -12.93 -8.11
C1 C8E L . 2.26 40.42 8.05
C2 C8E L . 3.63 39.78 8.29
C3 C8E L . 4.74 40.83 8.31
C4 C8E L . 5.20 41.19 6.91
C5 C8E L . 5.64 42.65 6.84
C6 C8E L . 6.53 42.91 5.63
C7 C8E L . 6.72 44.39 5.35
C8 C8E L . 7.68 44.59 4.18
O9 C8E L . 6.97 44.46 2.97
C10 C8E L . 7.81 44.54 1.84
H11 C8E L . 2.39 41.48 7.86
H12 C8E L . 1.64 40.30 8.94
H13 C8E L . 1.79 39.94 7.20
H21 C8E L . 3.83 39.05 7.52
H22 C8E L . 3.61 39.25 9.25
H31 C8E L . 5.58 40.45 8.89
H32 C8E L . 4.38 41.73 8.81
H41 C8E L . 6.03 40.55 6.62
H42 C8E L . 4.39 41.02 6.19
H51 C8E L . 6.18 42.91 7.75
H52 C8E L . 4.76 43.29 6.78
H61 C8E L . 7.50 42.44 5.80
H62 C8E L . 6.08 42.44 4.76
H71 C8E L . 5.76 44.86 5.13
H72 C8E L . 7.13 44.88 6.24
H81 C8E L . 8.14 45.58 4.24
H82 C8E L . 8.47 43.84 4.23
H101 C8E L . 7.21 44.75 0.95
H102 C8E L . 8.53 45.34 1.96
C1 C8E M . -4.28 33.00 7.53
C2 C8E M . -4.34 31.65 8.23
C3 C8E M . -4.13 31.81 9.73
C4 C8E M . -2.66 32.00 10.07
C5 C8E M . -2.42 31.78 11.56
C6 C8E M . -0.94 31.70 11.92
C7 C8E M . -0.75 31.60 13.43
C8 C8E M . 0.69 31.26 13.82
O9 C8E M . 0.72 30.87 15.17
C10 C8E M . 1.78 29.96 15.45
H11 C8E M . -4.05 33.79 8.27
H12 C8E M . -5.24 33.22 7.07
H13 C8E M . -3.49 32.98 6.78
H21 C8E M . -5.31 31.19 8.05
H22 C8E M . -3.58 30.99 7.83
H31 C8E M . -4.70 32.67 10.09
H32 C8E M . -4.51 30.92 10.25
H41 C8E M . -2.06 31.29 9.50
H42 C8E M . -2.35 33.00 9.80
H51 C8E M . -2.88 32.60 12.13
H52 C8E M . -2.91 30.86 11.87
H61 C8E M . -0.50 30.83 11.43
H62 C8E M . -0.42 32.59 11.54
H71 C8E M . -1.03 32.54 13.88
H72 C8E M . -1.41 30.83 13.82
H81 C8E M . 1.06 30.47 13.18
H82 C8E M . 1.32 32.13 13.67
H101 C8E M . 2.72 30.50 15.42
H102 C8E M . 1.65 29.54 16.45
C1 C8E N . -17.47 3.16 -10.74
C2 C8E N . -18.24 2.26 -11.69
C3 C8E N . -17.57 2.20 -13.06
C4 C8E N . -17.90 3.43 -13.90
C5 C8E N . -16.93 3.59 -15.06
C6 C8E N . -16.80 5.06 -15.48
C7 C8E N . -15.47 5.29 -16.19
C8 C8E N . -15.35 6.71 -16.75
O9 C8E N . -14.33 6.71 -17.73
C10 C8E N . -14.20 7.97 -18.35
H11 C8E N . -16.61 3.58 -11.26
H12 C8E N . -17.12 2.58 -9.89
H13 C8E N . -18.11 3.97 -10.39
H21 C8E N . -19.27 2.64 -11.81
H22 C8E N . -18.31 1.26 -11.27
H31 C8E N . -16.49 2.14 -12.93
H32 C8E N . -17.89 1.31 -13.59
H41 C8E N . -17.87 4.32 -13.26
H42 C8E N . -18.92 3.34 -14.29
H51 C8E N . -17.28 3.00 -15.91
H52 C8E N . -15.95 3.21 -14.76
H61 C8E N . -17.63 5.31 -16.16
H62 C8E N . -16.88 5.70 -14.60
H71 C8E N . -14.66 5.12 -15.48
H72 C8E N . -15.37 4.57 -17.00
H81 C8E N . -16.30 7.01 -17.19
H82 C8E N . -15.11 7.40 -15.95
H101 C8E N . -13.55 8.59 -17.74
H102 C8E N . -13.72 7.84 -19.32
C1 C8E O . 24.43 17.10 -0.88
C2 C8E O . 24.04 18.30 -1.74
C3 C8E O . 23.51 17.87 -3.10
C4 C8E O . 22.82 19.04 -3.80
C5 C8E O . 22.16 18.61 -5.10
C6 C8E O . 21.15 19.64 -5.58
C7 C8E O . 21.85 20.87 -6.15
C8 C8E O . 20.84 21.90 -6.64
H11 C8E O . 24.19 16.18 -1.42
H12 C8E O . 23.87 17.13 0.05
H13 C8E O . 25.50 17.13 -0.67
H21 C8E O . 23.30 18.89 -1.22
H22 C8E O . 24.93 18.93 -1.88
H31 C8E O . 24.33 17.51 -3.72
H32 C8E O . 22.80 17.06 -2.97
H41 C8E O . 22.06 19.46 -3.14
H42 C8E O . 23.54 19.83 -4.01
H51 C8E O . 22.92 18.47 -5.86
H52 C8E O . 21.66 17.65 -4.95
H61 C8E O . 20.51 19.20 -6.34
H62 C8E O . 20.52 19.94 -4.74
H71 C8E O . 22.47 21.32 -5.38
H72 C8E O . 22.48 20.57 -6.97
C1 C8E P . 19.54 4.74 -5.38
C2 C8E P . 18.39 3.94 -4.79
C3 C8E P . 17.44 3.49 -5.88
C4 C8E P . 16.29 2.62 -5.40
C5 C8E P . 16.78 1.32 -4.79
C6 C8E P . 17.20 0.34 -5.88
C7 C8E P . 15.99 -0.27 -6.59
H11 C8E P . 19.43 4.77 -6.46
H12 C8E P . 20.48 4.29 -5.12
H13 C8E P . 19.51 5.76 -4.98
H21 C8E P . 17.85 4.54 -4.05
H22 C8E P . 18.79 3.06 -4.27
H31 C8E P . 17.03 4.38 -6.37
H32 C8E P . 18.00 2.93 -6.63
H41 C8E P . 15.71 3.17 -4.65
H42 C8E P . 15.61 2.40 -6.23
H51 C8E P . 17.63 1.53 -4.14
H52 C8E P . 15.99 0.88 -4.18
H61 C8E P . 17.83 0.85 -6.60
H62 C8E P . 17.78 -0.46 -5.43
H71 C8E P . 15.69 -1.19 -6.10
H72 C8E P . 16.27 -0.50 -7.62
C1 C8E Q . -3.74 42.49 8.03
C2 C8E Q . -2.98 41.97 6.83
C3 C8E Q . -1.47 42.11 7.04
C4 C8E Q . -1.08 43.58 7.19
C5 C8E Q . 0.34 43.85 6.72
C6 C8E Q . 0.81 45.25 7.07
C7 C8E Q . 2.15 45.59 6.45
C8 C8E Q . 1.94 46.18 5.06
O9 C8E Q . 3.07 46.84 4.54
C10 C8E Q . 2.89 47.11 3.17
H11 C8E Q . -3.06 42.61 8.87
H12 C8E Q . -4.52 41.77 8.30
H13 C8E Q . -4.21 43.45 7.80
H21 C8E Q . -3.22 40.93 6.65
H22 C8E Q . -3.26 42.54 5.94
H31 C8E Q . -1.18 41.57 7.95
H32 C8E Q . -0.94 41.67 6.20
H41 C8E Q . -1.77 44.19 6.62
H42 C8E Q . -1.16 43.88 8.24
H51 C8E Q . 1.02 43.12 7.17
H52 C8E Q . 0.40 43.71 5.64
H61 C8E Q . 0.06 45.98 6.73
H62 C8E Q . 0.87 45.35 8.16
H71 C8E Q . 2.68 46.32 7.08
H72 C8E Q . 2.77 44.70 6.39
H81 C8E Q . 1.66 45.38 4.38
H82 C8E Q . 1.11 46.89 5.10
H101 C8E Q . 3.42 46.38 2.57
H102 C8E Q . 3.27 48.10 2.93
#